data_7F3J
#
_entry.id   7F3J
#
_cell.length_a   42.616
_cell.length_b   46.364
_cell.length_c   57.704
_cell.angle_alpha   69.264
_cell.angle_beta   85.601
_cell.angle_gamma   90.015
#
_symmetry.space_group_name_H-M   'P 1'
#
loop_
_entity.id
_entity.type
_entity.pdbx_description
1 polymer 'Y-box-binding protein 2'
2 polymer "RNA (5'-R(*UP*CP*AP*UP*(5MC))-3')"
3 water water
#
loop_
_entity_poly.entity_id
_entity_poly.type
_entity_poly.pdbx_seq_one_letter_code
_entity_poly.pdbx_strand_id
1 'polypeptide(L)'
;ADKPVLATKVLGTVKWFNVRNGYGFINRNDTKEDVFVHQTAIKRNNPRKFLRSVGDGETVEFDVVEGEKGAEATNVTGPG
GVPVKGSRYAPNR
;
A,C,E,G
2 'polyribonucleotide' UCAU(5MC)UU B,D,F,H
#
# COMPACT_ATOMS: atom_id res chain seq x y z
N VAL A 5 -18.38 -27.23 16.91
CA VAL A 5 -16.96 -26.90 16.84
C VAL A 5 -16.14 -27.90 16.03
N LEU A 6 -15.47 -27.43 14.99
CA LEU A 6 -14.65 -28.28 14.13
C LEU A 6 -13.18 -28.27 14.53
N ALA A 7 -12.74 -27.24 15.23
CA ALA A 7 -11.35 -27.09 15.64
C ALA A 7 -11.33 -26.05 16.74
N THR A 8 -10.40 -26.20 17.66
CA THR A 8 -10.37 -25.33 18.84
C THR A 8 -8.99 -24.68 18.94
N LYS A 9 -8.97 -23.42 19.40
CA LYS A 9 -7.73 -22.63 19.60
C LYS A 9 -6.78 -22.76 18.42
N VAL A 10 -7.31 -22.53 17.23
CA VAL A 10 -6.51 -22.51 16.02
C VAL A 10 -5.89 -21.12 15.89
N LEU A 11 -4.62 -21.05 15.48
CA LEU A 11 -4.03 -19.75 15.22
C LEU A 11 -4.20 -19.36 13.75
N GLY A 12 -4.41 -18.07 13.52
CA GLY A 12 -4.61 -17.57 12.17
C GLY A 12 -4.12 -16.14 12.05
N THR A 13 -4.06 -15.68 10.80
CA THR A 13 -3.73 -14.32 10.44
C THR A 13 -4.92 -13.69 9.76
N VAL A 14 -5.34 -12.53 10.25
CA VAL A 14 -6.48 -11.85 9.64
C VAL A 14 -6.09 -11.47 8.21
N LYS A 15 -6.86 -11.94 7.23
CA LYS A 15 -6.64 -11.50 5.85
C LYS A 15 -7.05 -10.04 5.70
N TRP A 16 -8.30 -9.74 6.00
CA TRP A 16 -8.74 -8.36 6.11
C TRP A 16 -10.00 -8.34 6.95
N PHE A 17 -10.31 -7.18 7.50
CA PHE A 17 -11.56 -7.02 8.23
C PHE A 17 -12.13 -5.64 7.93
N ASN A 18 -13.40 -5.62 7.54
CA ASN A 18 -14.10 -4.40 7.16
C ASN A 18 -14.94 -3.96 8.35
N VAL A 19 -14.53 -2.87 8.99
CA VAL A 19 -15.22 -2.41 10.20
C VAL A 19 -16.65 -1.99 9.87
N ARG A 20 -16.81 -1.19 8.81
CA ARG A 20 -18.14 -0.72 8.45
C ARG A 20 -19.12 -1.87 8.16
N ASN A 21 -18.68 -2.91 7.46
CA ASN A 21 -19.57 -4.03 7.14
C ASN A 21 -19.56 -5.12 8.21
N GLY A 22 -18.64 -5.04 9.16
CA GLY A 22 -18.68 -5.93 10.31
C GLY A 22 -18.23 -7.35 10.09
N TYR A 23 -17.38 -7.59 9.10
CA TYR A 23 -16.92 -8.96 8.85
C TYR A 23 -15.61 -8.91 8.11
N GLY A 24 -15.00 -10.08 8.00
CA GLY A 24 -13.79 -10.24 7.23
C GLY A 24 -13.45 -11.70 7.07
N PHE A 25 -12.18 -11.98 6.81
CA PHE A 25 -11.71 -13.35 6.68
C PHE A 25 -10.41 -13.54 7.43
N ILE A 26 -10.24 -14.73 8.00
CA ILE A 26 -9.02 -15.13 8.69
C ILE A 26 -8.42 -16.30 7.94
N ASN A 27 -7.11 -16.28 7.73
CA ASN A 27 -6.41 -17.40 7.13
C ASN A 27 -5.85 -18.30 8.21
N ARG A 28 -6.33 -19.55 8.26
CA ARG A 28 -5.86 -20.51 9.25
C ARG A 28 -4.38 -20.79 9.06
N ASN A 29 -3.60 -20.76 10.13
CA ASN A 29 -2.17 -21.05 9.98
C ASN A 29 -1.90 -22.53 9.76
N ASP A 30 -2.79 -23.42 10.23
CA ASP A 30 -2.54 -24.85 10.07
C ASP A 30 -2.84 -25.31 8.64
N THR A 31 -4.02 -24.98 8.11
CA THR A 31 -4.38 -25.41 6.77
C THR A 31 -4.15 -24.36 5.70
N LYS A 32 -3.86 -23.12 6.10
CA LYS A 32 -3.69 -22.00 5.18
C LYS A 32 -4.95 -21.71 4.36
N GLU A 33 -6.11 -22.12 4.87
CA GLU A 33 -7.39 -21.80 4.26
C GLU A 33 -8.12 -20.66 4.99
N ASP A 34 -8.85 -19.86 4.21
CA ASP A 34 -9.65 -18.75 4.75
C ASP A 34 -10.93 -19.22 5.45
N VAL A 35 -11.29 -18.54 6.54
CA VAL A 35 -12.58 -18.73 7.19
C VAL A 35 -13.21 -17.36 7.43
N PHE A 36 -14.54 -17.30 7.33
CA PHE A 36 -15.31 -16.09 7.56
C PHE A 36 -15.30 -15.69 9.03
N VAL A 37 -15.22 -14.40 9.32
CA VAL A 37 -15.29 -13.93 10.70
C VAL A 37 -16.25 -12.75 10.76
N HIS A 38 -17.26 -12.85 11.62
CA HIS A 38 -18.21 -11.78 11.84
C HIS A 38 -17.85 -10.99 13.10
N GLN A 39 -18.20 -9.70 13.12
CA GLN A 39 -17.88 -8.85 14.26
C GLN A 39 -18.36 -9.45 15.58
N THR A 40 -19.52 -10.09 15.58
CA THR A 40 -20.04 -10.63 16.83
C THR A 40 -19.27 -11.83 17.33
N ALA A 41 -18.42 -12.44 16.50
CA ALA A 41 -17.65 -13.61 16.90
C ALA A 41 -16.40 -13.25 17.68
N ILE A 42 -16.11 -11.97 17.89
CA ILE A 42 -14.92 -11.57 18.62
C ILE A 42 -15.19 -11.63 20.11
N LYS A 43 -14.43 -12.49 20.79
CA LYS A 43 -14.64 -12.78 22.19
C LYS A 43 -13.89 -11.81 23.09
N ARG A 44 -12.68 -11.41 22.72
CA ARG A 44 -11.89 -10.43 23.48
C ARG A 44 -11.55 -9.27 22.55
N ASN A 45 -12.40 -8.26 22.52
CA ASN A 45 -12.10 -7.08 21.71
C ASN A 45 -11.02 -6.25 22.39
N ASN A 46 -10.40 -5.37 21.61
CA ASN A 46 -9.44 -4.44 22.17
C ASN A 46 -10.16 -3.46 23.10
N PRO A 47 -9.89 -3.46 24.41
CA PRO A 47 -10.61 -2.54 25.31
C PRO A 47 -10.25 -1.08 25.06
N ARG A 48 -9.13 -0.82 24.37
CA ARG A 48 -8.69 0.52 24.03
C ARG A 48 -9.28 1.06 22.72
N LYS A 49 -10.15 0.30 22.06
CA LYS A 49 -10.82 0.74 20.85
C LYS A 49 -12.32 0.69 21.05
N PHE A 50 -13.03 1.55 20.32
CA PHE A 50 -14.48 1.43 20.18
C PHE A 50 -14.78 0.41 19.09
N LEU A 51 -16.04 -0.01 18.99
CA LEU A 51 -16.48 -0.97 17.97
C LEU A 51 -15.80 -2.33 18.07
N ARG A 52 -16.37 -3.32 17.42
CA ARG A 52 -15.84 -4.67 17.42
C ARG A 52 -15.08 -4.91 16.13
N SER A 53 -13.79 -5.28 16.25
CA SER A 53 -12.99 -5.46 15.04
C SER A 53 -11.77 -6.31 15.34
N VAL A 54 -11.18 -6.83 14.25
CA VAL A 54 -9.81 -7.28 14.22
C VAL A 54 -9.13 -6.54 13.06
N GLY A 55 -7.81 -6.43 13.12
CA GLY A 55 -7.06 -5.65 12.14
C GLY A 55 -6.34 -6.53 11.13
N ASP A 56 -6.26 -6.02 9.90
CA ASP A 56 -5.59 -6.72 8.81
C ASP A 56 -4.21 -7.17 9.26
N GLY A 57 -3.88 -8.44 9.02
CA GLY A 57 -2.55 -8.97 9.32
C GLY A 57 -2.33 -9.42 10.75
N GLU A 58 -3.28 -9.16 11.64
CA GLU A 58 -3.15 -9.51 13.05
C GLU A 58 -3.20 -11.03 13.27
N THR A 59 -2.46 -11.52 14.28
CA THR A 59 -2.52 -12.93 14.67
C THR A 59 -3.62 -13.14 15.70
N VAL A 60 -4.54 -14.07 15.40
CA VAL A 60 -5.68 -14.35 16.25
C VAL A 60 -5.76 -15.85 16.53
N GLU A 61 -6.56 -16.18 17.53
CA GLU A 61 -6.80 -17.53 17.99
C GLU A 61 -8.30 -17.71 18.12
N PHE A 62 -8.81 -18.84 17.62
CA PHE A 62 -10.25 -18.97 17.42
C PHE A 62 -10.65 -20.43 17.33
N ASP A 63 -11.95 -20.67 17.46
CA ASP A 63 -12.53 -21.96 17.12
C ASP A 63 -13.06 -21.88 15.69
N VAL A 64 -13.13 -23.03 15.03
CA VAL A 64 -13.70 -23.11 13.69
C VAL A 64 -14.99 -23.90 13.75
N VAL A 65 -16.03 -23.37 13.12
CA VAL A 65 -17.35 -23.99 13.08
C VAL A 65 -17.85 -23.94 11.64
N GLU A 66 -18.87 -24.75 11.34
CA GLU A 66 -19.54 -24.68 10.04
C GLU A 66 -20.53 -23.51 10.04
N GLY A 67 -20.36 -22.61 9.08
CA GLY A 67 -21.26 -21.50 8.89
C GLY A 67 -22.18 -21.73 7.71
N GLU A 68 -23.06 -20.75 7.52
CA GLU A 68 -23.97 -20.76 6.39
C GLU A 68 -23.24 -20.90 5.06
N LYS A 69 -22.17 -20.14 4.86
CA LYS A 69 -21.44 -20.09 3.59
C LYS A 69 -19.97 -20.46 3.79
N GLY A 70 -19.71 -21.66 4.28
CA GLY A 70 -18.35 -22.12 4.50
C GLY A 70 -17.98 -22.03 5.97
N ALA A 71 -16.74 -22.40 6.27
CA ALA A 71 -16.29 -22.44 7.65
C ALA A 71 -16.17 -21.04 8.23
N GLU A 72 -16.41 -20.93 9.53
CA GLU A 72 -16.43 -19.64 10.23
C GLU A 72 -15.58 -19.72 11.50
N ALA A 73 -14.98 -18.58 11.86
CA ALA A 73 -14.26 -18.45 13.11
C ALA A 73 -15.21 -17.98 14.21
N THR A 74 -15.03 -18.51 15.41
CA THR A 74 -15.76 -18.07 16.59
C THR A 74 -14.80 -17.99 17.77
N ASN A 75 -15.25 -17.31 18.83
CA ASN A 75 -14.47 -17.16 20.06
C ASN A 75 -13.11 -16.55 19.78
N VAL A 76 -13.09 -15.50 18.98
CA VAL A 76 -11.85 -14.92 18.47
C VAL A 76 -11.16 -14.07 19.55
N THR A 77 -9.89 -14.36 19.79
CA THR A 77 -9.04 -13.59 20.69
C THR A 77 -7.68 -13.37 20.06
N GLY A 78 -6.79 -12.69 20.79
CA GLY A 78 -5.38 -12.76 20.48
C GLY A 78 -4.81 -14.10 20.90
N PRO A 79 -3.54 -14.30 20.55
CA PRO A 79 -2.90 -15.59 20.91
C PRO A 79 -2.86 -15.75 22.42
N GLY A 80 -3.18 -16.95 22.89
CA GLY A 80 -3.23 -17.18 24.32
C GLY A 80 -4.37 -16.49 25.04
N GLY A 81 -5.39 -16.04 24.30
CA GLY A 81 -6.59 -15.50 24.90
C GLY A 81 -6.56 -14.03 25.26
N VAL A 82 -5.50 -13.32 24.91
CA VAL A 82 -5.35 -11.89 25.21
C VAL A 82 -6.24 -11.10 24.28
N PRO A 83 -6.52 -9.81 24.54
CA PRO A 83 -7.33 -9.03 23.60
C PRO A 83 -6.68 -8.93 22.22
N VAL A 84 -7.53 -8.83 21.20
CA VAL A 84 -7.07 -8.54 19.85
C VAL A 84 -6.55 -7.10 19.77
N LYS A 85 -5.82 -6.82 18.70
CA LYS A 85 -5.38 -5.44 18.42
C LYS A 85 -6.47 -4.60 17.80
N GLY A 86 -7.34 -5.18 16.98
CA GLY A 86 -8.38 -4.43 16.32
C GLY A 86 -7.87 -3.74 15.07
N SER A 87 -8.82 -3.17 14.33
CA SER A 87 -8.58 -2.54 13.05
C SER A 87 -8.12 -1.09 13.18
N ARG A 88 -7.21 -0.69 12.28
CA ARG A 88 -6.88 0.72 12.14
C ARG A 88 -8.10 1.57 11.84
N TYR A 89 -9.15 0.98 11.25
CA TYR A 89 -10.37 1.71 10.93
C TYR A 89 -11.31 1.87 12.12
N ALA A 90 -11.01 1.24 13.26
CA ALA A 90 -11.79 1.37 14.49
C ALA A 90 -11.20 2.44 15.39
N PRO A 91 -11.98 3.46 15.81
CA PRO A 91 -11.40 4.57 16.59
C PRO A 91 -10.87 4.12 17.94
N ASN A 92 -9.80 4.79 18.37
CA ASN A 92 -9.17 4.59 19.65
C ASN A 92 -9.90 5.32 20.77
N ARG A 93 -9.85 4.77 21.97
CA ARG A 93 -10.38 5.46 23.13
C ARG A 93 -9.34 6.50 23.50
N VAL C 5 4.81 22.39 20.94
CA VAL C 5 3.46 21.85 20.95
C VAL C 5 2.51 22.79 21.65
N LEU C 6 1.51 23.27 20.91
CA LEU C 6 0.52 24.19 21.46
C LEU C 6 -0.79 23.53 21.87
N ALA C 7 -1.11 22.37 21.30
CA ALA C 7 -2.37 21.70 21.59
C ALA C 7 -2.29 20.28 21.05
N THR C 8 -3.00 19.36 21.71
CA THR C 8 -2.95 17.95 21.33
C THR C 8 -4.36 17.43 21.10
N LYS C 9 -4.49 16.52 20.13
CA LYS C 9 -5.77 15.89 19.75
C LYS C 9 -6.89 16.91 19.56
N VAL C 10 -6.63 17.89 18.72
CA VAL C 10 -7.62 18.89 18.33
C VAL C 10 -8.39 18.36 17.13
N LEU C 11 -9.70 18.59 17.09
CA LEU C 11 -10.45 18.26 15.90
C LEU C 11 -10.54 19.48 14.98
N GLY C 12 -10.52 19.22 13.67
CA GLY C 12 -10.61 20.27 12.68
C GLY C 12 -11.26 19.78 11.41
N THR C 13 -11.58 20.72 10.52
CA THR C 13 -12.07 20.40 9.18
C THR C 13 -11.08 20.96 8.18
N VAL C 14 -10.68 20.12 7.23
CA VAL C 14 -9.75 20.58 6.21
C VAL C 14 -10.38 21.70 5.41
N LYS C 15 -9.72 22.86 5.39
CA LYS C 15 -10.19 23.95 4.53
C LYS C 15 -9.97 23.59 3.07
N TRP C 16 -8.72 23.34 2.71
CA TRP C 16 -8.39 22.76 1.42
C TRP C 16 -7.00 22.14 1.52
N PHE C 17 -6.71 21.26 0.58
CA PHE C 17 -5.39 20.67 0.50
C PHE C 17 -5.01 20.53 -0.97
N ASN C 18 -3.85 21.03 -1.32
CA ASN C 18 -3.36 20.97 -2.69
C ASN C 18 -2.39 19.80 -2.82
N VAL C 19 -2.80 18.77 -3.54
CA VAL C 19 -2.00 17.55 -3.66
C VAL C 19 -0.70 17.84 -4.39
N ARG C 20 -0.79 18.53 -5.53
CA ARG C 20 0.41 18.86 -6.30
C ARG C 20 1.44 19.59 -5.46
N ASN C 21 1.02 20.58 -4.67
CA ASN C 21 1.97 21.38 -3.93
C ASN C 21 2.28 20.82 -2.55
N GLY C 22 1.53 19.82 -2.12
CA GLY C 22 1.86 19.11 -0.90
C GLY C 22 1.52 19.83 0.38
N TYR C 23 0.52 20.71 0.37
CA TYR C 23 0.14 21.38 1.60
C TYR C 23 -1.29 21.89 1.51
N GLY C 24 -1.78 22.34 2.65
CA GLY C 24 -3.07 22.95 2.73
C GLY C 24 -3.26 23.59 4.08
N PHE C 25 -4.52 23.83 4.44
CA PHE C 25 -4.89 24.41 5.73
C PHE C 25 -6.05 23.67 6.33
N ILE C 26 -6.03 23.57 7.66
CA ILE C 26 -7.08 22.96 8.47
C ILE C 26 -7.69 24.01 9.38
N ASN C 27 -9.00 24.04 9.47
CA ASN C 27 -9.67 24.93 10.41
C ASN C 27 -9.94 24.20 11.72
N ARG C 28 -9.33 24.66 12.81
CA ARG C 28 -9.55 24.06 14.12
C ARG C 28 -11.01 24.22 14.54
N ASN C 29 -11.62 23.13 15.01
CA ASN C 29 -13.01 23.24 15.43
C ASN C 29 -13.15 23.98 16.75
N ASP C 30 -12.11 24.02 17.59
CA ASP C 30 -12.26 24.69 18.88
C ASP C 30 -12.13 26.21 18.74
N THR C 31 -11.05 26.68 18.13
CA THR C 31 -10.83 28.12 18.01
C THR C 31 -11.28 28.71 16.69
N LYS C 32 -11.64 27.86 15.73
CA LYS C 32 -12.05 28.29 14.39
C LYS C 32 -10.96 29.06 13.66
N GLU C 33 -9.71 28.83 14.02
CA GLU C 33 -8.56 29.39 13.29
C GLU C 33 -7.92 28.36 12.36
N ASP C 34 -7.38 28.87 11.25
CA ASP C 34 -6.67 28.05 10.27
C ASP C 34 -5.26 27.69 10.77
N VAL C 35 -4.83 26.45 10.46
CA VAL C 35 -3.46 26.03 10.69
C VAL C 35 -2.93 25.36 9.42
N PHE C 36 -1.66 25.59 9.14
CA PHE C 36 -0.97 25.01 7.99
C PHE C 36 -0.78 23.51 8.18
N VAL C 37 -0.92 22.75 7.09
CA VAL C 37 -0.67 21.32 7.14
C VAL C 37 0.17 20.91 5.93
N HIS C 38 1.28 20.24 6.21
CA HIS C 38 2.15 19.72 5.16
C HIS C 38 1.89 18.24 4.95
N GLN C 39 2.09 17.77 3.71
CA GLN C 39 1.87 16.37 3.37
C GLN C 39 2.62 15.44 4.32
N THR C 40 3.81 15.84 4.75
CA THR C 40 4.58 14.98 5.65
C THR C 40 4.02 14.93 7.06
N ALA C 41 3.12 15.84 7.42
CA ALA C 41 2.55 15.80 8.76
C ALA C 41 1.39 14.81 8.89
N ILE C 42 0.99 14.13 7.82
CA ILE C 42 -0.13 13.21 7.92
C ILE C 42 0.36 11.88 8.48
N LYS C 43 -0.21 11.49 9.62
CA LYS C 43 0.28 10.31 10.34
C LYS C 43 -0.42 9.05 9.85
N ARG C 44 -1.71 9.11 9.53
CA ARG C 44 -2.43 7.96 9.01
C ARG C 44 -3.03 8.29 7.64
N ASN C 45 -2.28 8.02 6.57
CA ASN C 45 -2.80 8.29 5.26
C ASN C 45 -3.84 7.25 4.90
N ASN C 46 -4.65 7.56 3.90
CA ASN C 46 -5.59 6.59 3.37
C ASN C 46 -4.83 5.49 2.63
N PRO C 47 -4.84 4.24 3.12
CA PRO C 47 -4.09 3.19 2.42
C PRO C 47 -4.69 2.81 1.09
N ARG C 48 -5.93 3.20 0.79
CA ARG C 48 -6.56 2.96 -0.50
C ARG C 48 -6.23 4.02 -1.54
N LYS C 49 -5.41 5.00 -1.19
CA LYS C 49 -4.96 6.02 -2.10
C LYS C 49 -3.44 6.05 -2.19
N PHE C 50 -2.94 6.48 -3.35
CA PHE C 50 -1.54 6.86 -3.50
C PHE C 50 -1.36 8.30 -3.05
N LEU C 51 -0.10 8.70 -2.86
CA LEU C 51 0.26 10.04 -2.42
C LEU C 51 -0.21 10.35 -1.01
N ARG C 52 0.35 11.39 -0.42
CA ARG C 52 0.00 11.81 0.92
C ARG C 52 -0.97 12.97 0.81
N SER C 53 -2.17 12.84 1.40
CA SER C 53 -3.15 13.90 1.26
C SER C 53 -4.22 13.81 2.34
N VAL C 54 -4.89 14.94 2.54
CA VAL C 54 -6.19 15.03 3.18
C VAL C 54 -7.11 15.73 2.18
N GLY C 55 -8.42 15.53 2.35
CA GLY C 55 -9.41 16.01 1.39
C GLY C 55 -10.17 17.23 1.91
N ASP C 56 -10.47 18.15 1.00
CA ASP C 56 -11.25 19.34 1.34
C ASP C 56 -12.51 18.93 2.08
N GLY C 57 -12.76 19.56 3.23
CA GLY C 57 -13.97 19.36 4.02
C GLY C 57 -13.92 18.19 4.98
N GLU C 58 -12.87 17.38 4.93
CA GLU C 58 -12.76 16.19 5.77
C GLU C 58 -12.50 16.56 7.23
N THR C 59 -13.03 15.77 8.17
CA THR C 59 -12.78 16.00 9.59
C THR C 59 -11.50 15.28 9.99
N VAL C 60 -10.56 16.01 10.60
CA VAL C 60 -9.28 15.44 10.99
C VAL C 60 -9.00 15.75 12.46
N GLU C 61 -8.05 15.01 13.01
CA GLU C 61 -7.62 15.12 14.39
C GLU C 61 -6.10 15.23 14.39
N PHE C 62 -5.56 16.16 15.16
CA PHE C 62 -4.15 16.51 15.02
C PHE C 62 -3.66 17.23 16.27
N ASP C 63 -2.34 17.35 16.37
CA ASP C 63 -1.69 18.27 17.31
C ASP C 63 -1.34 19.56 16.59
N VAL C 64 -1.25 20.64 17.36
CA VAL C 64 -0.85 21.95 16.84
C VAL C 64 0.50 22.32 17.47
N VAL C 65 1.44 22.78 16.64
CA VAL C 65 2.77 23.17 17.10
C VAL C 65 3.06 24.53 16.50
N GLU C 66 3.99 25.25 17.13
CA GLU C 66 4.42 26.53 16.61
C GLU C 66 5.50 26.26 15.58
N GLY C 67 5.21 26.56 14.33
CA GLY C 67 6.23 26.42 13.32
C GLY C 67 6.73 27.74 12.80
N GLU C 68 7.89 27.65 12.15
CA GLU C 68 8.15 28.31 10.87
C GLU C 68 7.28 29.54 10.60
N LYS C 69 6.14 29.35 9.92
CA LYS C 69 5.28 30.47 9.54
C LYS C 69 3.92 30.41 10.21
N GLY C 70 3.88 30.32 11.54
CA GLY C 70 2.62 30.22 12.26
C GLY C 70 2.37 28.80 12.72
N ALA C 71 1.17 28.60 13.27
CA ALA C 71 0.82 27.30 13.82
C ALA C 71 0.65 26.29 12.69
N GLU C 72 1.06 25.04 12.96
CA GLU C 72 1.01 23.95 12.02
C GLU C 72 0.36 22.75 12.68
N ALA C 73 -0.32 21.95 11.86
CA ALA C 73 -0.87 20.68 12.30
C ALA C 73 0.20 19.60 12.14
N THR C 74 0.27 18.69 13.12
CA THR C 74 1.15 17.53 13.03
C THR C 74 0.36 16.33 13.51
N ASN C 75 0.89 15.14 13.21
CA ASN C 75 0.26 13.88 13.62
C ASN C 75 -1.19 13.79 13.12
N VAL C 76 -1.39 14.14 11.87
CA VAL C 76 -2.75 14.27 11.35
C VAL C 76 -3.32 12.89 11.07
N THR C 77 -4.50 12.62 11.62
CA THR C 77 -5.25 11.39 11.37
C THR C 77 -6.72 11.76 11.15
N GLY C 78 -7.54 10.74 10.89
CA GLY C 78 -8.97 10.86 11.01
C GLY C 78 -9.37 10.89 12.47
N PRO C 79 -10.66 11.13 12.74
CA PRO C 79 -11.09 11.20 14.13
C PRO C 79 -10.89 9.87 14.85
N GLY C 80 -10.37 9.93 16.07
CA GLY C 80 -10.05 8.73 16.82
C GLY C 80 -8.87 7.94 16.28
N GLY C 81 -8.05 8.57 15.45
CA GLY C 81 -6.83 7.95 14.95
C GLY C 81 -6.97 7.09 13.73
N VAL C 82 -8.15 7.01 13.13
CA VAL C 82 -8.38 6.19 11.94
C VAL C 82 -7.74 6.86 10.72
N PRO C 83 -7.58 6.17 9.58
CA PRO C 83 -7.01 6.83 8.40
C PRO C 83 -7.86 8.00 7.93
N VAL C 84 -7.19 8.99 7.34
CA VAL C 84 -7.90 10.09 6.70
C VAL C 84 -8.56 9.57 5.42
N LYS C 85 -9.48 10.37 4.89
CA LYS C 85 -10.12 10.04 3.62
C LYS C 85 -9.24 10.36 2.42
N GLY C 86 -8.40 11.40 2.53
CA GLY C 86 -7.56 11.81 1.41
C GLY C 86 -8.30 12.70 0.43
N SER C 87 -7.52 13.29 -0.47
CA SER C 87 -8.05 14.23 -1.45
C SER C 87 -8.60 13.51 -2.68
N ARG C 88 -9.69 14.07 -3.23
CA ARG C 88 -10.15 13.65 -4.55
C ARG C 88 -9.07 13.75 -5.63
N TYR C 89 -8.06 14.62 -5.44
CA TYR C 89 -7.00 14.76 -6.44
C TYR C 89 -5.90 13.70 -6.27
N ALA C 90 -5.98 12.89 -5.23
CA ALA C 90 -5.06 11.76 -5.04
C ALA C 90 -5.67 10.51 -5.65
N PRO C 91 -4.99 9.83 -6.57
CA PRO C 91 -5.56 8.66 -7.23
C PRO C 91 -5.81 7.49 -6.28
N ASN C 92 -6.84 6.72 -6.58
CA ASN C 92 -7.17 5.52 -5.84
C ASN C 92 -6.33 4.31 -6.25
N ARG C 93 -6.13 3.41 -5.31
CA ARG C 93 -5.50 2.13 -5.58
C ARG C 93 -6.53 1.21 -6.23
N PRO E 4 12.78 30.00 -13.70
CA PRO E 4 14.24 30.13 -13.71
C PRO E 4 14.94 28.85 -14.18
N VAL E 5 15.52 28.88 -15.38
CA VAL E 5 15.99 27.68 -16.06
C VAL E 5 17.52 27.65 -16.03
N LEU E 6 18.06 26.56 -15.47
CA LEU E 6 19.50 26.35 -15.36
C LEU E 6 20.08 25.51 -16.48
N ALA E 7 19.27 24.67 -17.13
CA ALA E 7 19.78 23.80 -18.18
C ALA E 7 18.60 23.24 -18.95
N THR E 8 18.84 22.95 -20.22
CA THR E 8 17.82 22.50 -21.16
C THR E 8 18.25 21.19 -21.80
N LYS E 9 17.27 20.32 -22.06
CA LYS E 9 17.51 19.03 -22.74
C LYS E 9 18.72 18.30 -22.15
N VAL E 10 18.71 18.13 -20.84
CA VAL E 10 19.78 17.40 -20.15
C VAL E 10 19.44 15.92 -20.16
N LEU E 11 20.42 15.07 -20.41
CA LEU E 11 20.18 13.64 -20.33
C LEU E 11 20.52 13.15 -18.93
N GLY E 12 19.71 12.23 -18.40
CA GLY E 12 19.93 11.72 -17.06
C GLY E 12 19.46 10.29 -16.94
N THR E 13 19.86 9.66 -15.83
CA THR E 13 19.42 8.31 -15.48
C THR E 13 18.64 8.39 -14.18
N VAL E 14 17.43 7.84 -14.16
CA VAL E 14 16.65 7.87 -12.93
C VAL E 14 17.37 7.09 -11.85
N LYS E 15 17.66 7.75 -10.73
CA LYS E 15 18.25 7.09 -9.57
C LYS E 15 17.24 6.20 -8.89
N TRP E 16 16.13 6.77 -8.42
CA TRP E 16 15.00 5.99 -7.94
C TRP E 16 13.76 6.85 -8.02
N PHE E 17 12.61 6.19 -8.00
CA PHE E 17 11.33 6.89 -7.95
C PHE E 17 10.36 6.14 -7.03
N ASN E 18 9.77 6.92 -6.14
CA ASN E 18 8.83 6.41 -5.18
C ASN E 18 7.41 6.72 -5.64
N VAL E 19 6.72 5.69 -6.13
CA VAL E 19 5.39 5.88 -6.70
C VAL E 19 4.39 6.26 -5.62
N ARG E 20 4.42 5.54 -4.50
CA ARG E 20 3.53 5.83 -3.39
C ARG E 20 3.63 7.29 -2.96
N ASN E 21 4.85 7.84 -2.88
CA ASN E 21 5.05 9.23 -2.49
C ASN E 21 5.12 10.22 -3.65
N GLY E 22 5.23 9.76 -4.89
CA GLY E 22 5.17 10.68 -6.00
C GLY E 22 6.41 11.52 -6.29
N TYR E 23 7.60 11.05 -5.97
CA TYR E 23 8.80 11.82 -6.29
C TYR E 23 9.99 10.88 -6.36
N GLY E 24 11.11 11.41 -6.84
CA GLY E 24 12.35 10.65 -6.87
C GLY E 24 13.48 11.57 -7.23
N PHE E 25 14.57 10.99 -7.72
CA PHE E 25 15.73 11.77 -8.14
C PHE E 25 16.27 11.23 -9.46
N ILE E 26 16.81 12.13 -10.27
CA ILE E 26 17.46 11.81 -11.55
C ILE E 26 18.93 12.15 -11.42
N ASN E 27 19.81 11.23 -11.84
CA ASN E 27 21.24 11.51 -11.87
C ASN E 27 21.61 12.04 -13.26
N ARG E 28 22.06 13.28 -13.33
CA ARG E 28 22.43 13.89 -14.60
C ARG E 28 23.61 13.12 -15.20
N ASN E 29 23.52 12.82 -16.50
CA ASN E 29 24.59 12.07 -17.13
C ASN E 29 25.84 12.91 -17.30
N ASP E 30 25.70 14.24 -17.38
CA ASP E 30 26.87 15.08 -17.61
C ASP E 30 27.69 15.30 -16.33
N THR E 31 27.07 15.80 -15.26
CA THR E 31 27.79 16.11 -14.04
C THR E 31 27.68 15.03 -12.97
N LYS E 32 26.81 14.04 -13.15
CA LYS E 32 26.56 12.99 -12.17
C LYS E 32 25.99 13.54 -10.86
N GLU E 33 25.31 14.68 -10.93
CA GLU E 33 24.60 15.20 -9.77
C GLU E 33 23.15 14.74 -9.81
N ASP E 34 22.57 14.52 -8.62
CA ASP E 34 21.16 14.17 -8.48
C ASP E 34 20.29 15.43 -8.59
N VAL E 35 19.12 15.30 -9.22
CA VAL E 35 18.13 16.38 -9.23
C VAL E 35 16.77 15.84 -8.85
N PHE E 36 16.03 16.61 -8.06
CA PHE E 36 14.70 16.23 -7.61
C PHE E 36 13.72 16.20 -8.78
N VAL E 37 12.84 15.20 -8.79
CA VAL E 37 11.80 15.13 -9.79
C VAL E 37 10.49 14.79 -9.10
N HIS E 38 9.48 15.62 -9.34
CA HIS E 38 8.13 15.44 -8.84
C HIS E 38 7.29 14.72 -9.88
N GLN E 39 6.28 13.97 -9.44
CA GLN E 39 5.43 13.26 -10.39
C GLN E 39 4.87 14.21 -11.45
N THR E 40 4.51 15.43 -11.06
CA THR E 40 3.88 16.35 -11.99
C THR E 40 4.82 16.87 -13.07
N ALA E 41 6.13 16.65 -12.93
CA ALA E 41 7.08 17.06 -13.94
C ALA E 41 7.20 16.07 -15.09
N ILE E 42 6.54 14.93 -15.04
CA ILE E 42 6.64 13.92 -16.08
C ILE E 42 5.62 14.26 -17.16
N LYS E 43 6.10 14.60 -18.36
CA LYS E 43 5.29 15.13 -19.45
C LYS E 43 4.73 14.07 -20.39
N ARG E 44 5.50 13.04 -20.71
CA ARG E 44 5.10 12.01 -21.67
C ARG E 44 5.16 10.69 -20.90
N ASN E 45 4.03 10.31 -20.33
CA ASN E 45 3.91 9.10 -19.53
C ASN E 45 3.65 7.83 -20.33
N ASN E 46 3.90 6.71 -19.69
CA ASN E 46 3.56 5.42 -20.24
C ASN E 46 2.04 5.31 -20.22
N PRO E 47 1.36 5.24 -21.36
CA PRO E 47 -0.11 5.24 -21.35
C PRO E 47 -0.77 4.00 -20.74
N ARG E 48 -0.01 2.94 -20.46
CA ARG E 48 -0.53 1.74 -19.81
C ARG E 48 -0.64 1.86 -18.31
N LYS E 49 -0.16 2.95 -17.73
CA LYS E 49 -0.16 3.12 -16.30
C LYS E 49 -1.10 4.28 -15.98
N PHE E 50 -1.85 4.16 -14.89
CA PHE E 50 -2.74 5.27 -14.53
C PHE E 50 -2.06 6.28 -13.63
N LEU E 51 -0.81 6.07 -13.26
CA LEU E 51 -0.06 7.02 -12.47
C LEU E 51 1.09 7.58 -13.28
N ARG E 52 1.58 8.72 -12.85
CA ARG E 52 2.72 9.34 -13.50
C ARG E 52 3.97 8.87 -12.75
N SER E 53 4.95 8.34 -13.47
CA SER E 53 6.15 7.86 -12.81
C SER E 53 7.27 7.78 -13.83
N VAL E 54 8.49 7.67 -13.32
CA VAL E 54 9.61 7.15 -14.10
C VAL E 54 10.21 6.01 -13.29
N GLY E 55 10.91 5.13 -13.99
CA GLY E 55 11.43 3.91 -13.37
C GLY E 55 12.92 4.01 -13.11
N ASP E 56 13.34 3.41 -12.00
CA ASP E 56 14.74 3.34 -11.61
C ASP E 56 15.59 2.94 -12.81
N GLY E 57 16.64 3.71 -13.09
CA GLY E 57 17.58 3.35 -14.14
C GLY E 57 17.20 3.75 -15.56
N GLU E 58 15.99 4.24 -15.82
CA GLU E 58 15.64 4.60 -17.19
C GLU E 58 16.28 5.92 -17.57
N THR E 59 16.56 6.08 -18.86
CA THR E 59 17.16 7.30 -19.39
C THR E 59 16.08 8.33 -19.67
N VAL E 60 16.29 9.55 -19.17
CA VAL E 60 15.31 10.61 -19.35
C VAL E 60 16.00 11.86 -19.86
N GLU E 61 15.19 12.74 -20.44
CA GLU E 61 15.64 14.00 -21.00
C GLU E 61 14.75 15.08 -20.42
N PHE E 62 15.34 16.12 -19.87
CA PHE E 62 14.55 17.04 -19.06
C PHE E 62 15.27 18.39 -19.01
N ASP E 63 14.54 19.40 -18.56
CA ASP E 63 15.11 20.69 -18.21
C ASP E 63 15.35 20.75 -16.71
N VAL E 64 16.30 21.57 -16.28
CA VAL E 64 16.60 21.77 -14.87
C VAL E 64 16.25 23.20 -14.51
N VAL E 65 15.54 23.38 -13.39
CA VAL E 65 15.17 24.71 -12.93
C VAL E 65 15.60 24.81 -11.48
N GLU E 66 15.76 26.03 -11.00
CA GLU E 66 16.07 26.22 -9.59
C GLU E 66 14.77 26.27 -8.82
N GLY E 67 14.58 25.29 -7.93
CA GLY E 67 13.46 25.31 -7.03
C GLY E 67 13.90 25.59 -5.60
N GLU E 68 13.00 26.29 -4.93
CA GLU E 68 12.88 26.36 -3.47
C GLU E 68 13.97 25.57 -2.74
N LYS E 69 14.05 24.27 -2.98
CA LYS E 69 15.02 23.40 -2.31
C LYS E 69 16.01 22.80 -3.31
N GLY E 70 16.65 23.61 -4.14
CA GLY E 70 17.65 23.09 -5.06
C GLY E 70 17.11 22.91 -6.47
N ALA E 71 17.94 22.30 -7.31
CA ALA E 71 17.57 22.09 -8.70
C ALA E 71 16.46 21.05 -8.79
N GLU E 72 15.55 21.27 -9.74
CA GLU E 72 14.38 20.44 -9.95
C GLU E 72 14.29 20.10 -11.42
N ALA E 73 13.77 18.92 -11.72
CA ALA E 73 13.54 18.51 -13.11
C ALA E 73 12.18 18.99 -13.59
N THR E 74 12.11 19.39 -14.85
CA THR E 74 10.84 19.70 -15.49
C THR E 74 10.83 19.12 -16.90
N ASN E 75 9.62 19.00 -17.46
CA ASN E 75 9.44 18.56 -18.83
C ASN E 75 10.14 17.22 -19.08
N VAL E 76 9.95 16.29 -18.14
CA VAL E 76 10.67 15.02 -18.17
C VAL E 76 10.04 14.11 -19.21
N THR E 77 10.84 13.64 -20.16
CA THR E 77 10.44 12.65 -21.14
C THR E 77 11.59 11.66 -21.32
N GLY E 78 11.39 10.64 -22.14
CA GLY E 78 12.52 9.88 -22.65
C GLY E 78 13.28 10.72 -23.66
N PRO E 79 14.43 10.24 -24.13
CA PRO E 79 15.23 11.02 -25.07
C PRO E 79 14.46 11.28 -26.36
N GLY E 80 14.62 12.49 -26.91
CA GLY E 80 13.87 12.83 -28.10
C GLY E 80 12.38 12.98 -27.90
N GLY E 81 11.92 13.12 -26.65
CA GLY E 81 10.51 13.38 -26.36
C GLY E 81 9.63 12.15 -26.29
N VAL E 82 10.20 10.95 -26.36
CA VAL E 82 9.36 9.75 -26.38
C VAL E 82 8.81 9.52 -24.98
N PRO E 83 7.72 8.76 -24.85
CA PRO E 83 7.18 8.49 -23.52
C PRO E 83 8.17 7.76 -22.65
N VAL E 84 8.12 8.03 -21.34
CA VAL E 84 8.98 7.29 -20.42
C VAL E 84 8.47 5.86 -20.27
N LYS E 85 9.33 5.00 -19.72
CA LYS E 85 8.91 3.65 -19.40
C LYS E 85 8.05 3.59 -18.15
N GLY E 86 8.32 4.44 -17.17
CA GLY E 86 7.59 4.43 -15.92
C GLY E 86 8.13 3.39 -14.96
N SER E 87 7.66 3.48 -13.72
CA SER E 87 8.14 2.60 -12.65
C SER E 87 7.38 1.28 -12.67
N ARG E 88 8.09 0.18 -12.35
CA ARG E 88 7.42 -1.08 -12.09
C ARG E 88 6.41 -0.99 -10.97
N TYR E 89 6.60 -0.08 -10.02
CA TYR E 89 5.67 0.11 -8.91
C TYR E 89 4.43 0.90 -9.28
N ALA E 90 4.35 1.46 -10.47
CA ALA E 90 3.10 2.06 -10.92
C ALA E 90 2.36 0.99 -11.69
N PRO E 91 1.23 0.49 -11.20
CA PRO E 91 0.60 -0.65 -11.85
C PRO E 91 0.03 -0.34 -13.23
N ASN E 92 0.14 -1.33 -14.11
CA ASN E 92 -0.55 -1.29 -15.38
C ASN E 92 -2.02 -1.58 -15.14
N ARG E 93 -2.88 -1.02 -15.99
CA ARG E 93 -4.27 -1.41 -15.91
C ARG E 93 -4.55 -2.70 -16.66
N PRO G 4 1.30 -23.92 -23.28
CA PRO G 4 -0.09 -24.37 -23.17
C PRO G 4 -0.86 -23.57 -22.12
N VAL G 5 -1.53 -22.50 -22.56
CA VAL G 5 -2.04 -21.46 -21.67
C VAL G 5 -3.53 -21.70 -21.44
N LEU G 6 -3.92 -21.84 -20.17
CA LEU G 6 -5.31 -22.02 -19.80
C LEU G 6 -6.01 -20.74 -19.37
N ALA G 7 -5.27 -19.74 -18.90
CA ALA G 7 -5.87 -18.50 -18.42
C ALA G 7 -4.78 -17.45 -18.29
N THR G 8 -5.17 -16.19 -18.46
CA THR G 8 -4.23 -15.09 -18.44
C THR G 8 -4.67 -14.04 -17.43
N LYS G 9 -3.68 -13.44 -16.75
CA LYS G 9 -3.88 -12.37 -15.75
C LYS G 9 -4.96 -12.72 -14.74
N VAL G 10 -4.77 -13.87 -14.10
CA VAL G 10 -5.62 -14.31 -13.01
C VAL G 10 -5.13 -13.69 -11.70
N LEU G 11 -6.07 -13.27 -10.87
CA LEU G 11 -5.75 -12.77 -9.56
C LEU G 11 -5.80 -13.93 -8.56
N GLY G 12 -4.87 -13.94 -7.62
CA GLY G 12 -4.86 -14.99 -6.62
C GLY G 12 -4.25 -14.50 -5.33
N THR G 13 -4.42 -15.31 -4.29
CA THR G 13 -3.80 -15.09 -2.99
C THR G 13 -2.88 -16.27 -2.71
N VAL G 14 -1.63 -15.99 -2.37
CA VAL G 14 -0.69 -17.07 -2.10
C VAL G 14 -1.21 -17.88 -0.92
N LYS G 15 -1.37 -19.19 -1.12
CA LYS G 15 -1.74 -20.05 -0.01
C LYS G 15 -0.56 -20.24 0.93
N TRP G 16 0.54 -20.78 0.40
CA TRP G 16 1.81 -20.77 1.12
C TRP G 16 2.92 -20.93 0.09
N PHE G 17 4.12 -20.55 0.51
CA PHE G 17 5.30 -20.70 -0.32
C PHE G 17 6.47 -21.08 0.57
N ASN G 18 7.12 -22.19 0.22
CA ASN G 18 8.24 -22.73 0.98
C ASN G 18 9.54 -22.31 0.31
N VAL G 19 10.27 -21.42 0.97
CA VAL G 19 11.50 -20.87 0.41
C VAL G 19 12.56 -21.95 0.30
N ARG G 20 12.69 -22.76 1.36
CA ARG G 20 13.62 -23.88 1.38
C ARG G 20 13.48 -24.77 0.16
N ASN G 21 12.26 -25.13 -0.19
CA ASN G 21 12.03 -26.01 -1.32
C ASN G 21 11.76 -25.29 -2.63
N GLY G 22 11.49 -23.98 -2.59
CA GLY G 22 11.35 -23.24 -3.82
C GLY G 22 10.04 -23.42 -4.54
N TYR G 23 8.95 -23.68 -3.82
CA TYR G 23 7.64 -23.80 -4.47
C TYR G 23 6.54 -23.51 -3.45
N GLY G 24 5.32 -23.42 -3.96
CA GLY G 24 4.16 -23.23 -3.11
C GLY G 24 2.89 -23.40 -3.91
N PHE G 25 1.80 -22.83 -3.38
CA PHE G 25 0.51 -22.86 -4.06
C PHE G 25 -0.16 -21.49 -3.97
N ILE G 26 -0.89 -21.14 -5.01
CA ILE G 26 -1.66 -19.91 -5.07
C ILE G 26 -3.14 -20.29 -5.17
N ASN G 27 -3.98 -19.65 -4.35
CA ASN G 27 -5.42 -19.87 -4.44
C ASN G 27 -6.03 -18.81 -5.36
N ARG G 28 -6.57 -19.26 -6.49
CA ARG G 28 -7.15 -18.34 -7.46
C ARG G 28 -8.33 -17.61 -6.83
N ASN G 29 -8.36 -16.28 -7.00
CA ASN G 29 -9.45 -15.52 -6.42
C ASN G 29 -10.75 -15.73 -7.19
N ASP G 30 -10.64 -16.10 -8.46
CA ASP G 30 -11.84 -16.29 -9.25
C ASP G 30 -12.50 -17.63 -8.91
N THR G 31 -11.74 -18.72 -9.01
CA THR G 31 -12.30 -20.06 -8.82
C THR G 31 -12.06 -20.65 -7.43
N LYS G 32 -11.20 -20.06 -6.61
CA LYS G 32 -10.84 -20.64 -5.30
C LYS G 32 -10.18 -22.01 -5.42
N GLU G 33 -9.58 -22.28 -6.56
CA GLU G 33 -8.79 -23.49 -6.78
C GLU G 33 -7.32 -23.16 -6.53
N ASP G 34 -6.58 -24.11 -5.95
CA ASP G 34 -5.15 -23.97 -5.77
C ASP G 34 -4.40 -24.28 -7.06
N VAL G 35 -3.32 -23.54 -7.33
CA VAL G 35 -2.42 -23.88 -8.44
C VAL G 35 -0.97 -23.81 -7.96
N PHE G 36 -0.17 -24.73 -8.47
CA PHE G 36 1.25 -24.83 -8.12
C PHE G 36 2.01 -23.62 -8.66
N VAL G 37 2.96 -23.13 -7.87
CA VAL G 37 3.82 -22.04 -8.31
C VAL G 37 5.25 -22.42 -8.00
N HIS G 38 6.09 -22.39 -9.03
CA HIS G 38 7.49 -22.69 -8.88
C HIS G 38 8.26 -21.38 -8.70
N GLN G 39 9.35 -21.48 -7.95
CA GLN G 39 10.21 -20.32 -7.73
C GLN G 39 10.57 -19.60 -9.03
N THR G 40 10.83 -20.37 -10.10
CA THR G 40 11.23 -19.75 -11.35
C THR G 40 10.10 -19.03 -12.06
N ALA G 41 8.85 -19.22 -11.62
CA ALA G 41 7.72 -18.56 -12.26
C ALA G 41 7.52 -17.12 -11.77
N ILE G 42 8.31 -16.68 -10.80
CA ILE G 42 8.18 -15.34 -10.24
C ILE G 42 8.99 -14.37 -11.09
N LYS G 43 8.29 -13.44 -11.73
CA LYS G 43 8.81 -12.54 -12.75
C LYS G 43 9.28 -11.18 -12.23
N ARG G 44 8.59 -10.60 -11.26
CA ARG G 44 8.94 -9.31 -10.64
C ARG G 44 9.18 -9.58 -9.15
N ASN G 45 10.43 -9.89 -8.81
CA ASN G 45 10.83 -10.19 -7.44
C ASN G 45 11.10 -8.92 -6.62
N ASN G 46 11.09 -9.12 -5.30
CA ASN G 46 11.47 -8.08 -4.34
C ASN G 46 12.97 -7.82 -4.47
N PRO G 47 13.39 -6.61 -4.86
CA PRO G 47 14.83 -6.37 -5.09
C PRO G 47 15.69 -6.43 -3.84
N ARG G 48 15.11 -6.45 -2.63
CA ARG G 48 15.87 -6.61 -1.40
C ARG G 48 16.18 -8.05 -1.04
N LYS G 49 15.64 -9.02 -1.76
CA LYS G 49 15.86 -10.41 -1.38
C LYS G 49 16.66 -11.10 -2.48
N PHE G 50 17.58 -11.98 -2.07
CA PHE G 50 18.38 -12.68 -3.06
C PHE G 50 17.73 -13.96 -3.57
N LEU G 51 16.61 -14.37 -3.00
CA LEU G 51 15.86 -15.51 -3.52
C LEU G 51 14.55 -15.02 -4.12
N ARG G 52 14.00 -15.82 -5.02
CA ARG G 52 12.73 -15.51 -5.67
C ARG G 52 11.64 -16.18 -4.85
N SER G 53 10.64 -15.41 -4.42
CA SER G 53 9.62 -16.00 -3.58
C SER G 53 8.40 -15.10 -3.64
N VAL G 54 7.28 -15.66 -3.18
CA VAL G 54 6.12 -14.87 -2.76
C VAL G 54 5.78 -15.29 -1.35
N GLY G 55 5.09 -14.40 -0.63
CA GLY G 55 4.77 -14.62 0.77
C GLY G 55 3.33 -15.06 0.98
N ASP G 56 3.13 -15.90 2.00
CA ASP G 56 1.80 -16.38 2.37
C ASP G 56 0.85 -15.19 2.45
N GLY G 57 -0.31 -15.31 1.80
CA GLY G 57 -1.32 -14.28 1.87
C GLY G 57 -1.18 -13.10 0.92
N GLU G 58 -0.08 -12.97 0.19
CA GLU G 58 0.04 -11.80 -0.69
C GLU G 58 -0.79 -12.00 -1.97
N THR G 59 -1.24 -10.88 -2.52
CA THR G 59 -2.03 -10.89 -3.75
C THR G 59 -1.10 -10.91 -4.95
N VAL G 60 -1.33 -11.84 -5.87
CA VAL G 60 -0.50 -11.97 -7.05
C VAL G 60 -1.38 -12.04 -8.29
N GLU G 61 -0.74 -11.78 -9.42
CA GLU G 61 -1.33 -11.77 -10.75
C GLU G 61 -0.48 -12.66 -11.63
N PHE G 62 -1.10 -13.56 -12.38
CA PHE G 62 -0.33 -14.60 -13.05
C PHE G 62 -1.14 -15.21 -14.18
N ASP G 63 -0.44 -15.96 -15.04
CA ASP G 63 -1.07 -16.83 -16.02
C ASP G 63 -1.10 -18.26 -15.49
N VAL G 64 -2.04 -19.05 -16.00
CA VAL G 64 -2.15 -20.48 -15.68
C VAL G 64 -1.88 -21.30 -16.94
N VAL G 65 -1.04 -22.33 -16.82
CA VAL G 65 -0.63 -23.16 -17.94
C VAL G 65 -0.75 -24.64 -17.57
N GLU G 66 -0.59 -25.49 -18.59
CA GLU G 66 -0.55 -26.94 -18.44
C GLU G 66 0.79 -27.41 -17.90
N GLY G 67 0.76 -28.02 -16.71
CA GLY G 67 1.91 -28.69 -16.14
C GLY G 67 1.73 -30.20 -16.19
N GLU G 68 2.85 -30.90 -15.99
CA GLU G 68 2.79 -32.36 -15.89
C GLU G 68 1.78 -32.81 -14.83
N LYS G 69 1.79 -32.17 -13.66
CA LYS G 69 0.88 -32.56 -12.59
C LYS G 69 -0.17 -31.48 -12.33
N GLY G 70 -0.90 -31.08 -13.35
CA GLY G 70 -1.96 -30.10 -13.16
C GLY G 70 -1.54 -28.72 -13.60
N ALA G 71 -2.41 -27.77 -13.28
CA ALA G 71 -2.17 -26.38 -13.63
C ALA G 71 -1.08 -25.78 -12.76
N GLU G 72 -0.26 -24.92 -13.36
CA GLU G 72 0.78 -24.19 -12.65
C GLU G 72 0.71 -22.72 -13.03
N ALA G 73 1.14 -21.87 -12.11
CA ALA G 73 1.17 -20.43 -12.35
C ALA G 73 2.45 -20.03 -13.05
N THR G 74 2.35 -19.06 -13.96
CA THR G 74 3.55 -18.53 -14.61
C THR G 74 3.43 -17.02 -14.68
N ASN G 75 4.57 -16.36 -14.96
CA ASN G 75 4.64 -14.91 -15.08
C ASN G 75 4.09 -14.21 -13.84
N VAL G 76 4.49 -14.71 -12.66
CA VAL G 76 3.88 -14.27 -11.41
C VAL G 76 4.43 -12.90 -11.05
N THR G 77 3.53 -11.93 -10.87
CA THR G 77 3.86 -10.61 -10.35
C THR G 77 2.79 -10.22 -9.34
N GLY G 78 2.94 -9.05 -8.74
CA GLY G 78 1.84 -8.42 -8.06
C GLY G 78 0.82 -7.90 -9.07
N PRO G 79 -0.30 -7.39 -8.57
CA PRO G 79 -1.34 -6.88 -9.48
C PRO G 79 -0.79 -5.74 -10.32
N GLY G 80 -1.16 -5.74 -11.60
CA GLY G 80 -0.64 -4.72 -12.48
C GLY G 80 0.84 -4.80 -12.75
N GLY G 81 1.47 -5.94 -12.45
CA GLY G 81 2.86 -6.12 -12.78
C GLY G 81 3.85 -5.60 -11.77
N VAL G 82 3.40 -5.13 -10.61
CA VAL G 82 4.34 -4.57 -9.64
C VAL G 82 5.12 -5.72 -9.00
N PRO G 83 6.30 -5.46 -8.42
CA PRO G 83 7.06 -6.53 -7.77
C PRO G 83 6.28 -7.15 -6.62
N VAL G 84 6.50 -8.45 -6.41
CA VAL G 84 5.90 -9.13 -5.25
C VAL G 84 6.59 -8.69 -3.97
N LYS G 85 5.92 -8.93 -2.83
CA LYS G 85 6.51 -8.64 -1.54
C LYS G 85 7.52 -9.71 -1.15
N GLY G 86 7.28 -10.95 -1.55
CA GLY G 86 8.15 -12.05 -1.23
C GLY G 86 7.87 -12.60 0.16
N SER G 87 8.50 -13.73 0.42
CA SER G 87 8.29 -14.44 1.67
C SER G 87 9.14 -13.86 2.80
N ARG G 88 8.55 -13.86 3.99
CA ARG G 88 9.28 -13.57 5.23
C ARG G 88 10.51 -14.47 5.35
N TYR G 89 10.40 -15.69 4.84
CA TYR G 89 11.47 -16.66 4.95
C TYR G 89 12.57 -16.50 3.92
N ALA G 90 12.43 -15.60 2.95
CA ALA G 90 13.54 -15.35 2.03
C ALA G 90 14.31 -14.17 2.59
N PRO G 91 15.55 -14.34 3.02
CA PRO G 91 16.23 -13.26 3.74
C PRO G 91 16.46 -12.04 2.88
N ASN G 92 16.36 -10.88 3.52
CA ASN G 92 16.75 -9.66 2.88
C ASN G 92 18.26 -9.67 2.83
N ARG G 93 18.81 -9.13 1.75
CA ARG G 93 20.25 -8.98 1.67
C ARG G 93 20.58 -7.58 2.17
#